data_1I5C
#
_entry.id   1I5C
#
_cell.length_a   41.280
_cell.length_b   49.490
_cell.length_c   89.590
_cell.angle_alpha   90.00
_cell.angle_beta   90.48
_cell.angle_gamma   90.00
#
_symmetry.space_group_name_H-M   'P 1 21 1'
#
loop_
_entity.id
_entity.type
_entity.pdbx_description
1 polymer 'CHEMOTAXIS PROTEIN CHEA'
2 non-polymer "ADENOSINE-5'-DIPHOSPHATE"
3 water water
#
_entity_poly.entity_id   1
_entity_poly.type   'polypeptide(L)'
_entity_poly.pdbx_seq_one_letter_code
;GSHMVPISFVFNRFPRMVRDLAKKMNKEVNFIMRGEDTELDRTFVEEIGEPLLHLLRNAIDHGIEPKEERIAKGKPPIGT
LILSARHEGNNVVIEVEDDGRGIDKEKIIRKAIEKGLIDESKAATLSDQEILNFLFVPGFSTKEKVSEVSGRGVGMDVVK
NVVESLNGSISIESEKDKGTKVTIRLPLT
;
_entity_poly.pdbx_strand_id   A,B
#
loop_
_chem_comp.id
_chem_comp.type
_chem_comp.name
_chem_comp.formula
ADP non-polymer ADENOSINE-5'-DIPHOSPHATE 'C10 H15 N5 O10 P2'
#
# COMPACT_ATOMS: atom_id res chain seq x y z
N SER A 2 -25.35 7.48 -16.70
CA SER A 2 -25.19 8.92 -16.43
C SER A 2 -26.46 9.68 -16.07
N HIS A 3 -27.15 9.21 -15.05
CA HIS A 3 -28.28 9.93 -14.50
C HIS A 3 -27.62 10.44 -13.20
N MET A 4 -26.95 11.58 -13.31
CA MET A 4 -26.16 12.15 -12.21
C MET A 4 -26.87 13.17 -11.33
N VAL A 5 -26.36 13.31 -10.11
CA VAL A 5 -26.86 14.29 -9.15
C VAL A 5 -25.66 14.71 -8.30
N PRO A 6 -25.70 15.92 -7.72
CA PRO A 6 -24.59 16.37 -6.88
C PRO A 6 -24.49 15.54 -5.62
N ILE A 7 -23.26 15.31 -5.16
CA ILE A 7 -23.04 14.49 -3.97
C ILE A 7 -23.59 15.18 -2.71
N SER A 8 -24.04 16.42 -2.86
CA SER A 8 -24.61 17.16 -1.73
C SER A 8 -25.80 16.38 -1.16
N PHE A 9 -26.47 15.60 -2.01
CA PHE A 9 -27.60 14.80 -1.56
C PHE A 9 -27.12 13.79 -0.51
N VAL A 10 -25.84 13.44 -0.58
CA VAL A 10 -25.23 12.52 0.38
C VAL A 10 -24.62 13.27 1.57
N PHE A 11 -23.93 14.37 1.26
CA PHE A 11 -23.23 15.18 2.25
C PHE A 11 -24.05 16.08 3.17
N ASN A 12 -25.20 16.57 2.68
CA ASN A 12 -26.03 17.49 3.46
C ASN A 12 -26.33 17.20 4.92
N ARG A 13 -26.67 15.96 5.26
CA ARG A 13 -26.99 15.61 6.63
C ARG A 13 -25.78 15.47 7.57
N PHE A 14 -24.58 15.47 7.01
CA PHE A 14 -23.37 15.27 7.83
C PHE A 14 -22.94 16.34 8.85
N PRO A 15 -22.99 17.64 8.51
CA PRO A 15 -22.56 18.66 9.50
C PRO A 15 -23.24 18.54 10.88
N ARG A 16 -24.57 18.39 10.89
CA ARG A 16 -25.32 18.26 12.14
C ARG A 16 -24.97 16.97 12.87
N MET A 17 -24.83 15.87 12.13
CA MET A 17 -24.50 14.59 12.75
C MET A 17 -23.10 14.64 13.38
N VAL A 18 -22.14 15.25 12.68
CA VAL A 18 -20.79 15.35 13.18
C VAL A 18 -20.77 16.24 14.43
N ARG A 19 -21.55 17.31 14.39
CA ARG A 19 -21.64 18.25 15.50
C ARG A 19 -22.14 17.52 16.75
N ASP A 20 -23.22 16.77 16.60
CA ASP A 20 -23.78 16.04 17.73
C ASP A 20 -22.86 14.95 18.25
N LEU A 21 -22.23 14.21 17.33
CA LEU A 21 -21.32 13.13 17.69
C LEU A 21 -20.12 13.67 18.48
N ALA A 22 -19.59 14.80 18.02
CA ALA A 22 -18.46 15.42 18.67
C ALA A 22 -18.83 15.84 20.08
N LYS A 23 -20.06 16.33 20.24
CA LYS A 23 -20.54 16.76 21.54
C LYS A 23 -20.73 15.57 22.48
N LYS A 24 -21.22 14.46 21.93
CA LYS A 24 -21.45 13.25 22.70
C LYS A 24 -20.15 12.64 23.21
N MET A 25 -19.10 12.72 22.42
CA MET A 25 -17.81 12.14 22.80
C MET A 25 -16.82 13.19 23.33
N ASN A 26 -17.34 14.37 23.62
CA ASN A 26 -16.56 15.49 24.13
C ASN A 26 -15.25 15.73 23.38
N LYS A 27 -15.37 16.03 22.09
CA LYS A 27 -14.21 16.30 21.24
C LYS A 27 -14.49 17.63 20.54
N GLU A 28 -13.45 18.40 20.26
CA GLU A 28 -13.60 19.66 19.56
C GLU A 28 -13.26 19.35 18.11
N VAL A 29 -14.26 19.45 17.24
CA VAL A 29 -14.05 19.13 15.83
C VAL A 29 -14.40 20.23 14.84
N ASN A 30 -13.43 20.57 14.02
CA ASN A 30 -13.59 21.56 12.97
C ASN A 30 -13.90 20.67 11.74
N PHE A 31 -15.18 20.58 11.36
CA PHE A 31 -15.62 19.74 10.23
C PHE A 31 -15.72 20.53 8.93
N ILE A 32 -15.00 20.08 7.91
CA ILE A 32 -14.98 20.75 6.62
C ILE A 32 -15.43 19.81 5.53
N MET A 33 -16.33 20.28 4.67
CA MET A 33 -16.80 19.49 3.54
C MET A 33 -16.41 20.31 2.32
N ARG A 34 -15.84 19.65 1.31
CA ARG A 34 -15.41 20.31 0.08
C ARG A 34 -15.95 19.58 -1.14
N GLY A 35 -16.27 20.33 -2.18
CA GLY A 35 -16.76 19.74 -3.41
C GLY A 35 -18.12 19.08 -3.37
N GLU A 36 -19.05 19.66 -2.60
CA GLU A 36 -20.39 19.11 -2.51
C GLU A 36 -21.13 19.15 -3.85
N ASP A 37 -20.58 19.87 -4.82
CA ASP A 37 -21.19 19.97 -6.15
C ASP A 37 -20.77 18.85 -7.08
N THR A 38 -19.78 18.06 -6.65
CA THR A 38 -19.28 16.95 -7.44
C THR A 38 -20.41 15.96 -7.74
N GLU A 39 -20.64 15.69 -9.01
CA GLU A 39 -21.72 14.77 -9.37
C GLU A 39 -21.32 13.30 -9.40
N LEU A 40 -22.28 12.44 -9.07
CA LEU A 40 -22.07 11.00 -9.11
C LEU A 40 -23.36 10.31 -9.53
N ASP A 41 -23.23 9.04 -9.92
CA ASP A 41 -24.34 8.21 -10.36
C ASP A 41 -25.44 8.22 -9.28
N ARG A 42 -26.65 8.62 -9.64
CA ARG A 42 -27.73 8.69 -8.66
C ARG A 42 -27.97 7.39 -7.91
N THR A 43 -27.63 6.26 -8.52
CA THR A 43 -27.85 4.98 -7.85
C THR A 43 -26.84 4.71 -6.74
N PHE A 44 -25.81 5.57 -6.62
CA PHE A 44 -24.79 5.42 -5.59
C PHE A 44 -25.20 6.11 -4.29
N VAL A 45 -26.05 7.13 -4.40
CA VAL A 45 -26.49 7.92 -3.26
C VAL A 45 -26.94 7.11 -2.03
N GLU A 46 -27.87 6.18 -2.20
CA GLU A 46 -28.35 5.40 -1.06
C GLU A 46 -27.42 4.31 -0.55
N GLU A 47 -26.43 3.92 -1.34
CA GLU A 47 -25.51 2.88 -0.91
C GLU A 47 -24.26 3.41 -0.23
N ILE A 48 -23.82 4.61 -0.61
CA ILE A 48 -22.61 5.19 -0.04
C ILE A 48 -22.80 6.00 1.24
N GLY A 49 -24.05 6.38 1.53
CA GLY A 49 -24.32 7.19 2.71
C GLY A 49 -23.88 6.63 4.06
N GLU A 50 -24.33 5.43 4.41
CA GLU A 50 -23.94 4.85 5.68
C GLU A 50 -22.44 4.56 5.78
N PRO A 51 -21.84 4.03 4.71
CA PRO A 51 -20.40 3.77 4.77
C PRO A 51 -19.60 5.04 5.09
N LEU A 52 -19.94 6.15 4.44
CA LEU A 52 -19.25 7.40 4.70
C LEU A 52 -19.48 7.88 6.13
N LEU A 53 -20.71 7.70 6.61
CA LEU A 53 -21.02 8.11 7.97
C LEU A 53 -20.15 7.34 8.93
N HIS A 54 -19.99 6.04 8.67
CA HIS A 54 -19.17 5.23 9.55
C HIS A 54 -17.74 5.75 9.63
N LEU A 55 -17.19 6.14 8.49
CA LEU A 55 -15.82 6.65 8.46
C LEU A 55 -15.72 7.95 9.26
N LEU A 56 -16.75 8.78 9.19
CA LEU A 56 -16.76 10.04 9.93
C LEU A 56 -16.83 9.75 11.43
N ARG A 57 -17.68 8.79 11.81
CA ARG A 57 -17.81 8.43 13.20
C ARG A 57 -16.46 7.94 13.71
N ASN A 58 -15.79 7.09 12.93
CA ASN A 58 -14.48 6.56 13.31
C ASN A 58 -13.49 7.69 13.60
N ALA A 59 -13.50 8.70 12.75
CA ALA A 59 -12.59 9.83 12.91
C ALA A 59 -12.83 10.54 14.25
N ILE A 60 -14.08 10.83 14.55
CA ILE A 60 -14.44 11.52 15.78
C ILE A 60 -14.23 10.67 17.03
N ASP A 61 -14.53 9.39 16.92
CA ASP A 61 -14.41 8.48 18.06
C ASP A 61 -13.00 7.99 18.31
N HIS A 62 -12.41 7.34 17.30
CA HIS A 62 -11.08 6.77 17.39
C HIS A 62 -9.91 7.68 16.99
N GLY A 63 -10.18 8.65 16.12
CA GLY A 63 -9.13 9.53 15.65
C GLY A 63 -8.83 10.76 16.50
N ILE A 64 -9.65 11.80 16.36
CA ILE A 64 -9.47 13.05 17.09
C ILE A 64 -9.35 12.78 18.60
N GLU A 65 -8.25 13.25 19.19
CA GLU A 65 -8.01 13.05 20.62
C GLU A 65 -8.62 14.16 21.48
N PRO A 66 -8.85 13.88 22.78
CA PRO A 66 -9.41 14.90 23.67
C PRO A 66 -8.48 16.12 23.67
N LYS A 67 -9.04 17.31 23.81
CA LYS A 67 -8.25 18.54 23.81
C LYS A 67 -6.97 18.51 24.64
N GLU A 68 -7.03 17.88 25.82
CA GLU A 68 -5.85 17.80 26.69
C GLU A 68 -4.76 16.93 26.10
N GLU A 69 -5.17 15.87 25.41
CA GLU A 69 -4.21 14.94 24.81
C GLU A 69 -3.53 15.59 23.60
N ARG A 70 -4.29 16.31 22.79
CA ARG A 70 -3.74 16.96 21.61
C ARG A 70 -2.68 18.00 22.02
N ILE A 71 -2.95 18.75 23.09
CA ILE A 71 -2.00 19.76 23.56
C ILE A 71 -0.68 19.10 23.98
N ALA A 72 -0.77 18.01 24.73
CA ALA A 72 0.42 17.30 25.17
C ALA A 72 1.22 16.84 23.96
N LYS A 73 0.54 16.60 22.86
CA LYS A 73 1.18 16.16 21.63
C LYS A 73 1.71 17.32 20.80
N GLY A 74 1.40 18.55 21.22
CA GLY A 74 1.86 19.70 20.47
C GLY A 74 1.01 20.00 19.25
N LYS A 75 -0.26 19.59 19.31
CA LYS A 75 -1.18 19.85 18.22
C LYS A 75 -2.27 20.78 18.74
N PRO A 76 -2.92 21.53 17.83
CA PRO A 76 -3.98 22.45 18.21
C PRO A 76 -5.08 21.69 18.94
N PRO A 77 -5.66 22.29 19.99
CA PRO A 77 -6.73 21.67 20.79
C PRO A 77 -7.88 21.16 19.91
N ILE A 78 -8.23 21.94 18.90
CA ILE A 78 -9.32 21.57 17.99
C ILE A 78 -8.82 20.64 16.88
N GLY A 79 -9.49 19.50 16.72
CA GLY A 79 -9.11 18.57 15.68
C GLY A 79 -9.82 18.96 14.39
N THR A 80 -9.28 18.52 13.26
CA THR A 80 -9.88 18.83 11.97
C THR A 80 -10.26 17.55 11.23
N LEU A 81 -11.48 17.52 10.72
CA LEU A 81 -12.03 16.39 9.99
C LEU A 81 -12.49 16.90 8.63
N ILE A 82 -11.92 16.36 7.55
CA ILE A 82 -12.28 16.82 6.21
C ILE A 82 -12.92 15.75 5.32
N LEU A 83 -14.06 16.08 4.74
CA LEU A 83 -14.75 15.18 3.83
C LEU A 83 -14.73 15.89 2.48
N SER A 84 -14.15 15.27 1.47
CA SER A 84 -14.09 15.91 0.17
C SER A 84 -14.45 14.97 -0.96
N ALA A 85 -14.86 15.56 -2.07
CA ALA A 85 -15.23 14.82 -3.27
C ALA A 85 -14.74 15.63 -4.48
N ARG A 86 -14.38 14.92 -5.53
CA ARG A 86 -13.92 15.57 -6.75
C ARG A 86 -13.90 14.56 -7.88
N HIS A 87 -13.72 15.05 -9.10
CA HIS A 87 -13.64 14.17 -10.26
C HIS A 87 -12.17 14.02 -10.63
N GLU A 88 -11.75 12.78 -10.81
CA GLU A 88 -10.38 12.46 -11.18
C GLU A 88 -10.50 11.49 -12.35
N GLY A 89 -9.94 11.87 -13.49
CA GLY A 89 -10.01 11.01 -14.66
C GLY A 89 -11.45 10.81 -15.08
N ASN A 90 -12.03 9.68 -14.67
CA ASN A 90 -13.42 9.37 -14.99
C ASN A 90 -14.08 8.83 -13.73
N ASN A 91 -13.46 9.12 -12.58
CA ASN A 91 -13.97 8.66 -11.31
C ASN A 91 -14.38 9.79 -10.38
N VAL A 92 -15.08 9.41 -9.33
CA VAL A 92 -15.48 10.35 -8.30
C VAL A 92 -14.60 9.89 -7.15
N VAL A 93 -13.75 10.77 -6.65
CA VAL A 93 -12.87 10.43 -5.56
C VAL A 93 -13.37 11.07 -4.27
N ILE A 94 -13.57 10.26 -3.24
CA ILE A 94 -14.05 10.72 -1.95
C ILE A 94 -13.01 10.44 -0.87
N GLU A 95 -12.66 11.46 -0.11
CA GLU A 95 -11.68 11.33 0.96
C GLU A 95 -12.25 11.74 2.31
N VAL A 96 -11.86 11.00 3.34
CA VAL A 96 -12.26 11.28 4.72
C VAL A 96 -10.93 11.35 5.46
N GLU A 97 -10.54 12.55 5.88
CA GLU A 97 -9.27 12.73 6.57
C GLU A 97 -9.33 13.47 7.91
N ASP A 98 -8.59 12.97 8.90
CA ASP A 98 -8.55 13.59 10.21
C ASP A 98 -7.08 13.76 10.63
N ASP A 99 -6.80 14.70 11.53
CA ASP A 99 -5.43 14.88 12.00
C ASP A 99 -5.34 14.33 13.43
N GLY A 100 -5.96 13.18 13.63
CA GLY A 100 -5.97 12.53 14.94
C GLY A 100 -4.77 11.69 15.32
N ARG A 101 -4.98 10.75 16.23
CA ARG A 101 -3.92 9.90 16.74
C ARG A 101 -3.40 8.84 15.78
N GLY A 102 -4.16 8.55 14.73
CA GLY A 102 -3.73 7.56 13.77
C GLY A 102 -4.20 6.17 14.19
N ILE A 103 -4.27 5.25 13.23
CA ILE A 103 -4.71 3.89 13.56
C ILE A 103 -3.64 3.19 14.40
N ASP A 104 -4.08 2.50 15.43
CA ASP A 104 -3.16 1.78 16.32
C ASP A 104 -2.87 0.43 15.67
N LYS A 105 -1.76 0.36 14.96
CA LYS A 105 -1.36 -0.86 14.26
C LYS A 105 -1.02 -2.00 15.20
N GLU A 106 -0.57 -1.67 16.40
CA GLU A 106 -0.23 -2.66 17.40
C GLU A 106 -1.51 -3.44 17.73
N LYS A 107 -2.58 -2.70 17.98
CA LYS A 107 -3.86 -3.30 18.30
C LYS A 107 -4.42 -4.11 17.13
N ILE A 108 -4.25 -3.63 15.91
CA ILE A 108 -4.77 -4.37 14.77
C ILE A 108 -4.09 -5.75 14.69
N ILE A 109 -2.78 -5.77 14.87
CA ILE A 109 -2.06 -7.05 14.85
C ILE A 109 -2.58 -7.96 15.94
N ARG A 110 -2.79 -7.42 17.14
CA ARG A 110 -3.32 -8.23 18.24
C ARG A 110 -4.66 -8.82 17.83
N LYS A 111 -5.49 -8.04 17.15
CA LYS A 111 -6.80 -8.49 16.72
C LYS A 111 -6.68 -9.54 15.62
N ALA A 112 -5.78 -9.30 14.68
CA ALA A 112 -5.56 -10.22 13.58
C ALA A 112 -5.16 -11.58 14.13
N ILE A 113 -4.28 -11.58 15.14
CA ILE A 113 -3.84 -12.84 15.73
C ILE A 113 -4.97 -13.51 16.48
N GLU A 114 -5.72 -12.73 17.26
CA GLU A 114 -6.84 -13.26 18.03
C GLU A 114 -7.92 -13.88 17.15
N LYS A 115 -8.11 -13.31 15.97
CA LYS A 115 -9.13 -13.81 15.04
C LYS A 115 -8.63 -14.92 14.13
N GLY A 116 -7.42 -15.41 14.39
CA GLY A 116 -6.85 -16.46 13.58
C GLY A 116 -6.50 -16.07 12.15
N LEU A 117 -6.39 -14.76 11.90
CA LEU A 117 -6.06 -14.28 10.57
C LEU A 117 -4.57 -14.34 10.28
N ILE A 118 -3.77 -14.51 11.33
CA ILE A 118 -2.34 -14.59 11.16
C ILE A 118 -1.68 -15.14 12.41
N ASP A 119 -0.55 -15.80 12.20
CA ASP A 119 0.24 -16.40 13.26
C ASP A 119 1.10 -15.26 13.83
N GLU A 120 1.52 -15.38 15.08
CA GLU A 120 2.35 -14.33 15.68
C GLU A 120 3.71 -14.25 14.99
N SER A 121 4.20 -15.39 14.50
CA SER A 121 5.50 -15.43 13.83
C SER A 121 5.51 -14.64 12.53
N LYS A 122 4.34 -14.42 11.95
CA LYS A 122 4.28 -13.67 10.69
C LYS A 122 3.97 -12.20 10.95
N ALA A 123 3.54 -11.89 12.17
CA ALA A 123 3.20 -10.52 12.52
C ALA A 123 4.38 -9.55 12.55
N ALA A 124 5.54 -10.03 13.00
CA ALA A 124 6.72 -9.18 13.11
C ALA A 124 7.24 -8.55 11.83
N THR A 125 7.06 -9.22 10.69
CA THR A 125 7.56 -8.69 9.42
C THR A 125 6.53 -7.95 8.57
N LEU A 126 5.29 -7.89 9.03
CA LEU A 126 4.22 -7.22 8.28
C LEU A 126 4.54 -5.76 7.97
N SER A 127 4.24 -5.32 6.75
CA SER A 127 4.44 -3.92 6.39
C SER A 127 3.26 -3.14 6.96
N ASP A 128 3.35 -1.82 6.95
CA ASP A 128 2.26 -0.98 7.45
C ASP A 128 0.99 -1.20 6.63
N GLN A 129 1.12 -1.26 5.32
CA GLN A 129 -0.03 -1.47 4.44
C GLN A 129 -0.67 -2.83 4.65
N GLU A 130 0.15 -3.85 4.91
CA GLU A 130 -0.41 -5.18 5.16
C GLU A 130 -1.21 -5.15 6.46
N ILE A 131 -0.71 -4.42 7.45
CA ILE A 131 -1.40 -4.31 8.73
C ILE A 131 -2.76 -3.63 8.57
N LEU A 132 -2.75 -2.48 7.90
CA LEU A 132 -3.98 -1.74 7.67
C LEU A 132 -4.99 -2.51 6.82
N ASN A 133 -4.50 -3.34 5.91
CA ASN A 133 -5.38 -4.14 5.06
C ASN A 133 -6.26 -5.09 5.86
N PHE A 134 -5.82 -5.45 7.06
CA PHE A 134 -6.61 -6.35 7.90
C PHE A 134 -8.00 -5.77 8.18
N LEU A 135 -8.10 -4.44 8.18
CA LEU A 135 -9.38 -3.79 8.44
C LEU A 135 -10.41 -4.09 7.36
N PHE A 136 -9.94 -4.58 6.22
CA PHE A 136 -10.83 -4.89 5.10
C PHE A 136 -11.31 -6.33 5.05
N VAL A 137 -10.79 -7.17 5.94
CA VAL A 137 -11.19 -8.58 5.99
C VAL A 137 -12.59 -8.71 6.62
N PRO A 138 -13.52 -9.37 5.91
CA PRO A 138 -14.86 -9.54 6.46
C PRO A 138 -14.88 -10.16 7.85
N GLY A 139 -15.64 -9.56 8.75
CA GLY A 139 -15.74 -10.06 10.11
C GLY A 139 -14.72 -9.48 11.07
N PHE A 140 -13.80 -8.66 10.55
CA PHE A 140 -12.78 -8.05 11.39
C PHE A 140 -13.34 -7.01 12.35
N SER A 141 -14.34 -6.26 11.90
CA SER A 141 -14.96 -5.21 12.73
C SER A 141 -15.75 -5.85 13.84
N THR A 142 -16.12 -5.03 14.82
CA THR A 142 -16.83 -5.53 15.99
C THR A 142 -18.26 -5.95 15.64
N LYS A 143 -18.53 -7.23 15.97
CA LYS A 143 -19.76 -7.99 15.71
C LYS A 143 -21.17 -7.43 15.93
N GLU A 144 -21.37 -6.11 16.09
CA GLU A 144 -22.70 -5.52 16.32
C GLU A 144 -23.84 -6.48 16.01
N ARG A 152 -26.17 -6.29 8.48
CA ARG A 152 -26.51 -4.84 8.49
C ARG A 152 -25.56 -4.03 9.36
N GLY A 153 -24.66 -4.72 10.06
CA GLY A 153 -23.71 -4.04 10.92
C GLY A 153 -22.73 -3.22 10.12
N VAL A 154 -22.11 -2.22 10.76
CA VAL A 154 -21.14 -1.38 10.08
C VAL A 154 -19.74 -1.94 10.25
N GLY A 155 -18.73 -1.14 9.93
CA GLY A 155 -17.36 -1.59 10.05
C GLY A 155 -16.60 -1.34 8.76
N MET A 156 -15.28 -1.17 8.86
CA MET A 156 -14.47 -0.93 7.66
C MET A 156 -14.61 -2.08 6.68
N ASP A 157 -14.79 -3.29 7.20
CA ASP A 157 -14.94 -4.44 6.31
C ASP A 157 -16.19 -4.31 5.45
N VAL A 158 -17.25 -3.78 6.04
CA VAL A 158 -18.50 -3.57 5.31
C VAL A 158 -18.32 -2.43 4.32
N VAL A 159 -17.61 -1.39 4.73
CA VAL A 159 -17.34 -0.25 3.85
C VAL A 159 -16.66 -0.76 2.57
N LYS A 160 -15.64 -1.59 2.74
CA LYS A 160 -14.92 -2.12 1.57
C LYS A 160 -15.84 -2.96 0.71
N ASN A 161 -16.64 -3.82 1.34
CA ASN A 161 -17.56 -4.67 0.58
C ASN A 161 -18.52 -3.80 -0.26
N VAL A 162 -19.05 -2.73 0.34
CA VAL A 162 -19.97 -1.85 -0.38
C VAL A 162 -19.27 -1.14 -1.54
N VAL A 163 -18.05 -0.66 -1.30
CA VAL A 163 -17.28 0.02 -2.35
C VAL A 163 -17.00 -0.93 -3.51
N GLU A 164 -16.66 -2.19 -3.19
CA GLU A 164 -16.42 -3.17 -4.23
C GLU A 164 -17.71 -3.48 -4.96
N SER A 165 -18.85 -3.43 -4.27
CA SER A 165 -20.15 -3.71 -4.90
C SER A 165 -20.49 -2.63 -5.92
N LEU A 166 -19.87 -1.46 -5.78
CA LEU A 166 -20.10 -0.36 -6.70
C LEU A 166 -19.03 -0.34 -7.79
N ASN A 167 -18.23 -1.40 -7.85
CA ASN A 167 -17.15 -1.55 -8.82
C ASN A 167 -16.06 -0.50 -8.57
N GLY A 168 -15.88 -0.14 -7.30
CA GLY A 168 -14.89 0.86 -6.95
C GLY A 168 -13.73 0.31 -6.11
N SER A 169 -12.88 1.20 -5.61
CA SER A 169 -11.72 0.81 -4.82
C SER A 169 -11.54 1.70 -3.58
N ILE A 170 -10.89 1.16 -2.54
CA ILE A 170 -10.67 1.92 -1.33
C ILE A 170 -9.26 1.72 -0.78
N SER A 171 -8.65 2.79 -0.29
CA SER A 171 -7.30 2.71 0.27
C SER A 171 -7.22 3.49 1.56
N ILE A 172 -6.31 3.08 2.45
CA ILE A 172 -6.15 3.76 3.73
C ILE A 172 -4.69 4.16 3.94
N GLU A 173 -4.52 5.31 4.59
CA GLU A 173 -3.20 5.85 4.89
C GLU A 173 -3.26 6.35 6.33
N SER A 174 -2.17 6.16 7.07
CA SER A 174 -2.16 6.60 8.46
C SER A 174 -0.76 6.65 9.07
N GLU A 175 -0.52 7.65 9.89
CA GLU A 175 0.77 7.82 10.57
C GLU A 175 0.48 8.11 12.04
N LYS A 176 1.12 7.36 12.92
CA LYS A 176 0.92 7.52 14.35
C LYS A 176 1.03 8.97 14.78
N ASP A 177 0.04 9.42 15.54
CA ASP A 177 -0.06 10.78 16.05
C ASP A 177 -0.24 11.85 15.00
N LYS A 178 -0.24 11.47 13.72
CA LYS A 178 -0.42 12.42 12.63
C LYS A 178 -1.86 12.45 12.12
N GLY A 179 -2.44 11.27 11.85
CA GLY A 179 -3.80 11.24 11.36
C GLY A 179 -4.14 10.03 10.52
N THR A 180 -5.30 10.11 9.86
CA THR A 180 -5.79 9.02 9.02
C THR A 180 -6.52 9.57 7.81
N LYS A 181 -6.27 8.96 6.66
CA LYS A 181 -6.89 9.38 5.42
C LYS A 181 -7.41 8.16 4.66
N VAL A 182 -8.72 8.14 4.43
CA VAL A 182 -9.36 7.04 3.70
C VAL A 182 -9.80 7.61 2.35
N THR A 183 -9.45 6.92 1.27
CA THR A 183 -9.82 7.38 -0.08
C THR A 183 -10.67 6.34 -0.79
N ILE A 184 -11.78 6.79 -1.36
CA ILE A 184 -12.67 5.92 -2.09
C ILE A 184 -12.78 6.40 -3.54
N ARG A 185 -12.56 5.49 -4.49
CA ARG A 185 -12.65 5.84 -5.90
C ARG A 185 -13.78 5.05 -6.54
N LEU A 186 -14.79 5.77 -7.01
CA LEU A 186 -15.96 5.15 -7.65
C LEU A 186 -16.01 5.45 -9.13
N PRO A 187 -16.38 4.47 -9.95
CA PRO A 187 -16.46 4.67 -11.41
C PRO A 187 -17.69 5.46 -11.79
N LEU A 188 -17.54 6.37 -12.76
CA LEU A 188 -18.64 7.19 -13.23
C LEU A 188 -19.59 6.44 -14.16
N THR A 189 -19.04 5.48 -14.90
CA THR A 189 -19.85 4.70 -15.84
C THR A 189 -19.26 3.30 -16.09
N HIS B 3 21.39 -18.89 15.84
CA HIS B 3 22.22 -19.33 14.68
C HIS B 3 22.22 -18.33 13.55
N MET B 4 23.09 -17.34 13.70
CA MET B 4 23.21 -16.23 12.78
C MET B 4 24.51 -16.20 11.99
N VAL B 5 24.42 -15.78 10.73
CA VAL B 5 25.59 -15.65 9.87
C VAL B 5 25.45 -14.34 9.11
N PRO B 6 26.58 -13.78 8.65
CA PRO B 6 26.54 -12.51 7.90
C PRO B 6 25.90 -12.77 6.53
N ILE B 7 25.12 -11.81 6.05
CA ILE B 7 24.44 -11.98 4.78
C ILE B 7 25.40 -12.10 3.59
N SER B 8 26.69 -11.89 3.85
CA SER B 8 27.70 -12.01 2.80
C SER B 8 27.71 -13.47 2.32
N PHE B 9 27.16 -14.37 3.12
CA PHE B 9 27.07 -15.78 2.72
C PHE B 9 26.26 -15.83 1.42
N VAL B 10 25.30 -14.91 1.31
CA VAL B 10 24.43 -14.82 0.14
C VAL B 10 24.92 -13.81 -0.89
N PHE B 11 25.43 -12.68 -0.40
CA PHE B 11 25.91 -11.57 -1.23
C PHE B 11 27.20 -11.72 -2.04
N ASN B 12 28.18 -12.43 -1.50
CA ASN B 12 29.48 -12.58 -2.16
C ASN B 12 29.51 -12.91 -3.66
N ARG B 13 28.59 -13.72 -4.15
CA ARG B 13 28.59 -14.09 -5.56
C ARG B 13 27.87 -13.08 -6.48
N PHE B 14 27.14 -12.14 -5.90
CA PHE B 14 26.38 -11.17 -6.69
C PHE B 14 27.15 -10.15 -7.55
N PRO B 15 28.26 -9.61 -7.04
CA PRO B 15 28.97 -8.64 -7.88
C PRO B 15 29.41 -9.22 -9.24
N ARG B 16 30.00 -10.42 -9.25
CA ARG B 16 30.42 -11.01 -10.52
C ARG B 16 29.22 -11.33 -11.40
N MET B 17 28.17 -11.88 -10.79
CA MET B 17 26.96 -12.25 -11.53
C MET B 17 26.24 -11.03 -12.11
N VAL B 18 26.32 -9.89 -11.42
CA VAL B 18 25.66 -8.69 -11.92
C VAL B 18 26.42 -8.15 -13.13
N ARG B 19 27.74 -8.11 -13.02
CA ARG B 19 28.60 -7.64 -14.11
C ARG B 19 28.35 -8.50 -15.34
N ASP B 20 28.32 -9.81 -15.14
CA ASP B 20 28.10 -10.75 -16.24
C ASP B 20 26.75 -10.51 -16.92
N LEU B 21 25.74 -10.29 -16.09
CA LEU B 21 24.38 -10.04 -16.58
C LEU B 21 24.29 -8.76 -17.42
N ALA B 22 24.84 -7.67 -16.88
CA ALA B 22 24.81 -6.40 -17.56
C ALA B 22 25.51 -6.49 -18.90
N LYS B 23 26.63 -7.18 -18.93
CA LYS B 23 27.40 -7.33 -20.17
C LYS B 23 26.58 -8.08 -21.22
N LYS B 24 25.99 -9.20 -20.83
CA LYS B 24 25.20 -10.00 -21.77
C LYS B 24 23.97 -9.26 -22.26
N MET B 25 23.39 -8.39 -21.41
CA MET B 25 22.20 -7.65 -21.81
C MET B 25 22.48 -6.26 -22.34
N ASN B 26 23.77 -5.95 -22.52
CA ASN B 26 24.17 -4.65 -23.06
C ASN B 26 23.62 -3.47 -22.25
N LYS B 27 23.80 -3.51 -20.93
CA LYS B 27 23.34 -2.44 -20.06
C LYS B 27 24.53 -1.93 -19.26
N GLU B 28 24.57 -0.62 -19.04
CA GLU B 28 25.64 -0.01 -18.26
C GLU B 28 25.12 0.10 -16.84
N VAL B 29 25.73 -0.67 -15.94
CA VAL B 29 25.28 -0.70 -14.55
C VAL B 29 26.36 -0.52 -13.49
N ASN B 30 26.10 0.38 -12.56
CA ASN B 30 27.00 0.61 -11.44
C ASN B 30 26.29 -0.09 -10.28
N PHE B 31 26.83 -1.24 -9.89
CA PHE B 31 26.23 -2.04 -8.82
C PHE B 31 26.82 -1.73 -7.45
N ILE B 32 25.94 -1.31 -6.54
CA ILE B 32 26.31 -0.94 -5.18
C ILE B 32 25.73 -1.90 -4.13
N MET B 33 26.61 -2.62 -3.42
CA MET B 33 26.19 -3.55 -2.37
C MET B 33 26.52 -2.95 -1.01
N ARG B 34 25.56 -2.95 -0.10
CA ARG B 34 25.74 -2.39 1.24
C ARG B 34 25.24 -3.33 2.34
N GLY B 35 25.92 -3.29 3.48
CA GLY B 35 25.52 -4.10 4.62
C GLY B 35 25.79 -5.59 4.57
N GLU B 36 26.87 -5.97 3.90
CA GLU B 36 27.21 -7.39 3.78
C GLU B 36 27.51 -8.08 5.11
N ASP B 37 27.72 -7.32 6.18
CA ASP B 37 28.00 -7.89 7.49
C ASP B 37 26.72 -8.11 8.31
N THR B 38 25.59 -7.65 7.78
CA THR B 38 24.30 -7.79 8.45
C THR B 38 24.01 -9.29 8.71
N GLU B 39 23.62 -9.62 9.93
CA GLU B 39 23.32 -11.02 10.26
C GLU B 39 21.86 -11.41 10.01
N LEU B 40 21.67 -12.69 9.68
CA LEU B 40 20.33 -13.23 9.48
C LEU B 40 20.42 -14.71 9.87
N ASP B 41 19.26 -15.32 10.14
CA ASP B 41 19.19 -16.71 10.53
C ASP B 41 19.81 -17.61 9.46
N ARG B 42 20.62 -18.56 9.90
CA ARG B 42 21.28 -19.47 8.97
C ARG B 42 20.26 -20.24 8.12
N THR B 43 19.07 -20.45 8.67
CA THR B 43 18.02 -21.18 7.96
C THR B 43 17.47 -20.43 6.75
N PHE B 44 17.84 -19.16 6.62
CA PHE B 44 17.36 -18.34 5.52
C PHE B 44 18.30 -18.33 4.31
N VAL B 45 19.58 -18.55 4.57
CA VAL B 45 20.61 -18.51 3.53
C VAL B 45 20.37 -19.30 2.24
N GLU B 46 20.09 -20.60 2.36
CA GLU B 46 19.87 -21.45 1.19
C GLU B 46 18.52 -21.20 0.47
N GLU B 47 17.66 -20.40 1.09
CA GLU B 47 16.35 -20.10 0.52
C GLU B 47 16.25 -18.74 -0.17
N ILE B 48 16.98 -17.76 0.34
CA ILE B 48 16.90 -16.40 -0.21
C ILE B 48 17.81 -16.09 -1.40
N GLY B 49 18.80 -16.95 -1.64
CA GLY B 49 19.72 -16.72 -2.73
C GLY B 49 19.10 -16.53 -4.10
N GLU B 50 18.39 -17.55 -4.57
CA GLU B 50 17.75 -17.50 -5.89
C GLU B 50 16.75 -16.36 -6.04
N PRO B 51 15.94 -16.10 -4.99
CA PRO B 51 14.96 -15.02 -5.12
C PRO B 51 15.64 -13.66 -5.33
N LEU B 52 16.67 -13.38 -4.55
CA LEU B 52 17.38 -12.12 -4.67
C LEU B 52 18.01 -11.98 -6.03
N LEU B 53 18.66 -13.05 -6.51
CA LEU B 53 19.28 -13.00 -7.83
C LEU B 53 18.23 -12.68 -8.89
N HIS B 54 17.03 -13.19 -8.71
CA HIS B 54 15.97 -12.92 -9.68
C HIS B 54 15.61 -11.44 -9.68
N LEU B 55 15.60 -10.84 -8.50
CA LEU B 55 15.28 -9.43 -8.40
C LEU B 55 16.38 -8.59 -9.05
N LEU B 56 17.63 -9.00 -8.88
CA LEU B 56 18.75 -8.28 -9.49
C LEU B 56 18.65 -8.44 -11.01
N ARG B 57 18.24 -9.64 -11.44
CA ARG B 57 18.09 -9.91 -12.85
C ARG B 57 17.01 -9.02 -13.43
N ASN B 58 15.87 -8.94 -12.72
CA ASN B 58 14.75 -8.09 -13.15
C ASN B 58 15.21 -6.64 -13.33
N ALA B 59 15.95 -6.12 -12.35
CA ALA B 59 16.42 -4.74 -12.42
C ALA B 59 17.28 -4.49 -13.66
N ILE B 60 18.16 -5.44 -13.96
CA ILE B 60 19.05 -5.30 -15.11
C ILE B 60 18.32 -5.46 -16.46
N ASP B 61 17.43 -6.44 -16.53
CA ASP B 61 16.68 -6.71 -17.75
C ASP B 61 15.51 -5.76 -18.00
N HIS B 62 14.58 -5.70 -17.05
CA HIS B 62 13.39 -4.86 -17.19
C HIS B 62 13.51 -3.44 -16.67
N GLY B 63 14.45 -3.20 -15.76
CA GLY B 63 14.60 -1.88 -15.17
C GLY B 63 15.47 -0.92 -15.95
N ILE B 64 16.78 -1.07 -15.78
CA ILE B 64 17.75 -0.21 -16.45
C ILE B 64 17.55 -0.23 -17.95
N GLU B 65 17.31 0.95 -18.52
CA GLU B 65 17.07 1.09 -19.95
C GLU B 65 18.35 1.12 -20.77
N PRO B 66 18.24 0.82 -22.08
CA PRO B 66 19.39 0.83 -22.98
C PRO B 66 19.91 2.26 -23.09
N LYS B 67 21.18 2.40 -23.48
CA LYS B 67 21.80 3.72 -23.63
C LYS B 67 20.89 4.81 -24.19
N GLU B 68 20.46 4.65 -25.43
CA GLU B 68 19.63 5.63 -26.11
C GLU B 68 18.39 6.07 -25.33
N GLU B 69 17.71 5.13 -24.67
CA GLU B 69 16.51 5.45 -23.92
C GLU B 69 16.79 6.30 -22.68
N ARG B 70 17.89 6.02 -21.98
CA ARG B 70 18.19 6.81 -20.79
C ARG B 70 18.51 8.25 -21.18
N ILE B 71 19.25 8.41 -22.27
CA ILE B 71 19.61 9.74 -22.78
C ILE B 71 18.35 10.50 -23.12
N ALA B 72 17.43 9.83 -23.81
CA ALA B 72 16.18 10.46 -24.21
C ALA B 72 15.41 10.96 -22.99
N LYS B 73 15.57 10.28 -21.86
CA LYS B 73 14.87 10.65 -20.64
C LYS B 73 15.67 11.65 -19.77
N GLY B 74 16.83 12.07 -20.25
CA GLY B 74 17.64 13.02 -19.49
C GLY B 74 18.38 12.39 -18.32
N LYS B 75 18.63 11.08 -18.43
CA LYS B 75 19.33 10.35 -17.39
C LYS B 75 20.75 9.98 -17.81
N PRO B 76 21.66 9.82 -16.84
CA PRO B 76 23.06 9.47 -17.13
C PRO B 76 23.08 8.07 -17.73
N PRO B 77 23.95 7.85 -18.74
CA PRO B 77 24.08 6.56 -19.43
C PRO B 77 24.24 5.37 -18.48
N ILE B 78 25.03 5.56 -17.42
CA ILE B 78 25.24 4.49 -16.45
C ILE B 78 24.10 4.39 -15.44
N GLY B 79 23.42 3.24 -15.43
CA GLY B 79 22.33 3.03 -14.50
C GLY B 79 22.84 2.60 -13.14
N THR B 80 22.03 2.80 -12.10
CA THR B 80 22.40 2.42 -10.75
C THR B 80 21.55 1.28 -10.21
N LEU B 81 22.21 0.29 -9.59
CA LEU B 81 21.54 -0.86 -9.00
C LEU B 81 22.08 -1.00 -7.59
N ILE B 82 21.22 -0.86 -6.59
CA ILE B 82 21.63 -0.94 -5.20
C ILE B 82 21.01 -2.13 -4.45
N LEU B 83 21.87 -2.96 -3.88
CA LEU B 83 21.44 -4.11 -3.08
C LEU B 83 21.85 -3.81 -1.65
N SER B 84 20.88 -3.73 -0.75
CA SER B 84 21.16 -3.39 0.64
C SER B 84 20.60 -4.35 1.67
N ALA B 85 21.29 -4.42 2.81
CA ALA B 85 20.88 -5.24 3.94
C ALA B 85 21.14 -4.46 5.23
N ARG B 86 20.24 -4.60 6.19
CA ARG B 86 20.38 -3.93 7.48
C ARG B 86 19.31 -4.44 8.41
N HIS B 87 19.42 -4.03 9.67
CA HIS B 87 18.44 -4.41 10.68
C HIS B 87 17.60 -3.16 10.94
N GLU B 88 16.28 -3.30 10.85
CA GLU B 88 15.39 -2.18 11.11
C GLU B 88 14.25 -2.70 11.96
N GLY B 89 13.95 -2.00 13.05
CA GLY B 89 12.91 -2.48 13.95
C GLY B 89 13.48 -3.80 14.43
N ASN B 90 12.70 -4.87 14.40
CA ASN B 90 13.28 -6.14 14.75
C ASN B 90 13.16 -7.08 13.55
N ASN B 91 13.57 -6.59 12.38
CA ASN B 91 13.54 -7.35 11.11
C ASN B 91 14.86 -7.13 10.37
N VAL B 92 15.19 -8.09 9.49
CA VAL B 92 16.35 -7.96 8.63
C VAL B 92 15.70 -7.34 7.39
N VAL B 93 16.19 -6.20 6.94
CA VAL B 93 15.63 -5.55 5.77
C VAL B 93 16.57 -5.60 4.58
N ILE B 94 16.09 -6.16 3.48
CA ILE B 94 16.87 -6.30 2.26
C ILE B 94 16.17 -5.52 1.16
N GLU B 95 16.90 -4.62 0.51
CA GLU B 95 16.31 -3.81 -0.55
C GLU B 95 17.05 -3.89 -1.87
N VAL B 96 16.28 -3.95 -2.96
CA VAL B 96 16.83 -4.01 -4.31
C VAL B 96 16.24 -2.80 -5.03
N GLU B 97 17.09 -1.85 -5.42
CA GLU B 97 16.60 -0.65 -6.09
C GLU B 97 17.37 -0.27 -7.35
N ASP B 98 16.63 0.12 -8.39
CA ASP B 98 17.23 0.56 -9.64
C ASP B 98 16.63 1.91 -10.05
N ASP B 99 17.34 2.65 -10.88
CA ASP B 99 16.83 3.95 -11.33
C ASP B 99 16.43 3.83 -12.79
N GLY B 100 15.77 2.71 -13.12
CA GLY B 100 15.33 2.44 -14.47
C GLY B 100 13.98 3.00 -14.91
N ARG B 101 13.33 2.30 -15.84
CA ARG B 101 12.05 2.73 -16.41
C ARG B 101 10.85 2.64 -15.47
N GLY B 102 10.98 1.85 -14.41
CA GLY B 102 9.86 1.68 -13.50
C GLY B 102 8.95 0.60 -14.05
N ILE B 103 8.17 -0.04 -13.18
CA ILE B 103 7.25 -1.09 -13.61
C ILE B 103 6.14 -0.48 -14.46
N ASP B 104 5.85 -1.11 -15.60
CA ASP B 104 4.82 -0.65 -16.52
C ASP B 104 3.44 -1.01 -15.97
N LYS B 105 2.83 -0.07 -15.26
CA LYS B 105 1.52 -0.30 -14.66
C LYS B 105 0.39 -0.47 -15.66
N GLU B 106 0.46 0.19 -16.80
CA GLU B 106 -0.60 0.04 -17.79
C GLU B 106 -0.57 -1.37 -18.36
N LYS B 107 0.64 -1.91 -18.53
CA LYS B 107 0.77 -3.25 -19.05
C LYS B 107 0.06 -4.24 -18.13
N ILE B 108 0.24 -4.07 -16.82
CA ILE B 108 -0.39 -4.94 -15.82
C ILE B 108 -1.91 -4.84 -15.91
N ILE B 109 -2.41 -3.62 -15.94
CA ILE B 109 -3.85 -3.37 -16.03
C ILE B 109 -4.42 -4.07 -17.26
N ARG B 110 -3.74 -3.95 -18.39
CA ARG B 110 -4.21 -4.57 -19.61
C ARG B 110 -4.24 -6.09 -19.45
N LYS B 111 -3.22 -6.66 -18.81
CA LYS B 111 -3.20 -8.09 -18.58
C LYS B 111 -4.33 -8.50 -17.64
N ALA B 112 -4.58 -7.67 -16.62
CA ALA B 112 -5.65 -7.95 -15.66
C ALA B 112 -7.01 -7.99 -16.35
N ILE B 113 -7.23 -7.06 -17.27
CA ILE B 113 -8.50 -7.00 -17.98
C ILE B 113 -8.64 -8.22 -18.89
N GLU B 114 -7.57 -8.54 -19.61
CA GLU B 114 -7.57 -9.69 -20.51
C GLU B 114 -7.93 -10.97 -19.76
N LYS B 115 -7.33 -11.15 -18.58
CA LYS B 115 -7.58 -12.33 -17.75
C LYS B 115 -8.97 -12.30 -17.12
N GLY B 116 -9.69 -11.21 -17.35
CA GLY B 116 -11.04 -11.08 -16.79
C GLY B 116 -11.11 -10.82 -15.29
N LEU B 117 -9.97 -10.52 -14.67
CA LEU B 117 -9.93 -10.26 -13.24
C LEU B 117 -10.53 -8.92 -12.86
N ILE B 118 -10.44 -7.98 -13.79
CA ILE B 118 -10.94 -6.63 -13.59
C ILE B 118 -11.62 -6.20 -14.88
N ASP B 119 -12.43 -5.15 -14.80
CA ASP B 119 -13.06 -4.64 -16.00
C ASP B 119 -12.57 -3.22 -16.19
N GLU B 120 -12.86 -2.67 -17.36
CA GLU B 120 -12.41 -1.35 -17.72
C GLU B 120 -12.72 -0.30 -16.66
N SER B 121 -13.98 -0.20 -16.26
CA SER B 121 -14.40 0.77 -15.26
C SER B 121 -13.66 0.62 -13.94
N LYS B 122 -13.56 -0.61 -13.46
CA LYS B 122 -12.89 -0.91 -12.19
C LYS B 122 -11.39 -0.58 -12.28
N ALA B 123 -10.79 -0.92 -13.41
CA ALA B 123 -9.38 -0.67 -13.64
C ALA B 123 -9.00 0.77 -13.38
N ALA B 124 -9.86 1.71 -13.81
CA ALA B 124 -9.57 3.12 -13.63
C ALA B 124 -9.60 3.58 -12.17
N THR B 125 -10.21 2.78 -11.30
CA THR B 125 -10.29 3.13 -9.88
C THR B 125 -9.16 2.58 -9.01
N LEU B 126 -8.44 1.61 -9.53
CA LEU B 126 -7.35 0.98 -8.79
C LEU B 126 -6.23 1.92 -8.38
N SER B 127 -5.70 1.70 -7.19
CA SER B 127 -4.58 2.49 -6.67
C SER B 127 -3.33 1.88 -7.26
N ASP B 128 -2.21 2.61 -7.21
CA ASP B 128 -0.97 2.08 -7.77
C ASP B 128 -0.50 0.81 -7.06
N GLN B 129 -0.67 0.75 -5.75
CA GLN B 129 -0.25 -0.43 -4.99
C GLN B 129 -1.08 -1.64 -5.39
N GLU B 130 -2.36 -1.43 -5.65
CA GLU B 130 -3.24 -2.51 -6.06
C GLU B 130 -2.80 -3.05 -7.41
N ILE B 131 -2.34 -2.16 -8.29
CA ILE B 131 -1.87 -2.56 -9.61
C ILE B 131 -0.59 -3.36 -9.47
N LEU B 132 0.42 -2.77 -8.81
CA LEU B 132 1.69 -3.44 -8.62
C LEU B 132 1.49 -4.83 -7.98
N ASN B 133 0.51 -4.92 -7.08
CA ASN B 133 0.22 -6.18 -6.39
C ASN B 133 -0.11 -7.37 -7.27
N PHE B 134 -0.67 -7.13 -8.46
CA PHE B 134 -1.01 -8.23 -9.36
C PHE B 134 0.22 -9.08 -9.70
N LEU B 135 1.39 -8.48 -9.60
CA LEU B 135 2.63 -9.18 -9.89
C LEU B 135 2.84 -10.36 -8.94
N PHE B 136 2.24 -10.29 -7.76
CA PHE B 136 2.38 -11.35 -6.75
C PHE B 136 1.41 -12.50 -6.97
N VAL B 137 0.39 -12.28 -7.81
CA VAL B 137 -0.61 -13.30 -8.08
C VAL B 137 -0.05 -14.47 -8.86
N PRO B 138 -0.09 -15.68 -8.27
CA PRO B 138 0.43 -16.87 -8.95
C PRO B 138 -0.19 -17.04 -10.32
N GLY B 139 0.66 -17.23 -11.32
CA GLY B 139 0.19 -17.41 -12.69
C GLY B 139 -0.19 -16.14 -13.44
N PHE B 140 -0.02 -14.98 -12.82
CA PHE B 140 -0.35 -13.72 -13.48
C PHE B 140 0.62 -13.41 -14.63
N SER B 141 1.92 -13.50 -14.34
CA SER B 141 2.96 -13.23 -15.33
C SER B 141 3.47 -14.48 -16.04
N THR B 142 4.34 -14.24 -17.02
CA THR B 142 5.05 -15.15 -17.94
C THR B 142 5.43 -16.58 -17.51
N LYS B 143 6.69 -16.96 -17.79
CA LYS B 143 7.30 -18.27 -17.48
C LYS B 143 7.05 -19.29 -18.58
N GLY B 153 12.23 -21.33 -13.36
CA GLY B 153 10.89 -20.67 -13.48
C GLY B 153 10.55 -19.78 -12.29
N VAL B 154 11.46 -18.87 -11.96
CA VAL B 154 11.25 -17.97 -10.84
C VAL B 154 10.52 -16.71 -11.30
N GLY B 155 9.42 -16.39 -10.63
CA GLY B 155 8.64 -15.21 -10.95
C GLY B 155 8.43 -14.45 -9.66
N MET B 156 7.83 -13.27 -9.74
CA MET B 156 7.58 -12.48 -8.54
C MET B 156 6.66 -13.24 -7.60
N ASP B 157 5.79 -14.08 -8.16
CA ASP B 157 4.89 -14.86 -7.32
C ASP B 157 5.68 -15.89 -6.52
N VAL B 158 6.75 -16.41 -7.12
CA VAL B 158 7.59 -17.39 -6.45
C VAL B 158 8.43 -16.71 -5.38
N VAL B 159 8.91 -15.51 -5.68
CA VAL B 159 9.69 -14.76 -4.70
C VAL B 159 8.85 -14.52 -3.46
N LYS B 160 7.60 -14.10 -3.67
CA LYS B 160 6.72 -13.84 -2.54
C LYS B 160 6.47 -15.09 -1.71
N ASN B 161 6.18 -16.21 -2.38
CA ASN B 161 5.91 -17.44 -1.65
C ASN B 161 7.10 -17.87 -0.78
N VAL B 162 8.31 -17.80 -1.33
CA VAL B 162 9.49 -18.20 -0.57
C VAL B 162 9.68 -17.28 0.64
N VAL B 163 9.53 -15.97 0.41
CA VAL B 163 9.70 -15.02 1.50
C VAL B 163 8.70 -15.30 2.62
N GLU B 164 7.44 -15.51 2.24
CA GLU B 164 6.38 -15.79 3.21
C GLU B 164 6.66 -17.06 4.01
N SER B 165 7.21 -18.07 3.33
CA SER B 165 7.52 -19.35 3.94
C SER B 165 8.60 -19.23 5.00
N LEU B 166 9.31 -18.11 4.99
CA LEU B 166 10.34 -17.87 5.99
C LEU B 166 9.73 -16.91 7.01
N ASN B 167 8.42 -16.76 6.93
CA ASN B 167 7.68 -15.84 7.81
C ASN B 167 8.07 -14.39 7.53
N GLY B 168 8.50 -14.14 6.29
CA GLY B 168 8.89 -12.79 5.89
C GLY B 168 7.79 -12.08 5.13
N SER B 169 8.08 -10.86 4.70
CA SER B 169 7.14 -10.04 3.95
C SER B 169 7.86 -9.36 2.80
N ILE B 170 7.12 -9.03 1.75
CA ILE B 170 7.71 -8.37 0.60
C ILE B 170 6.78 -7.30 0.05
N SER B 171 7.35 -6.17 -0.34
CA SER B 171 6.55 -5.10 -0.91
C SER B 171 7.28 -4.46 -2.09
N ILE B 172 6.52 -3.84 -2.98
CA ILE B 172 7.10 -3.21 -4.16
C ILE B 172 6.70 -1.75 -4.25
N GLU B 173 7.63 -0.94 -4.74
CA GLU B 173 7.43 0.49 -4.87
C GLU B 173 7.99 0.87 -6.24
N SER B 174 7.26 1.63 -7.03
CA SER B 174 7.76 2.02 -8.36
C SER B 174 7.11 3.28 -8.95
N GLU B 175 7.95 4.11 -9.54
CA GLU B 175 7.50 5.35 -10.18
C GLU B 175 7.91 5.35 -11.65
N LYS B 176 6.97 5.64 -12.52
CA LYS B 176 7.25 5.64 -13.95
C LYS B 176 8.51 6.44 -14.29
N ASP B 177 9.39 5.83 -15.06
CA ASP B 177 10.64 6.44 -15.50
C ASP B 177 11.59 6.83 -14.39
N LYS B 178 11.21 6.56 -13.14
CA LYS B 178 12.09 6.89 -12.01
C LYS B 178 12.86 5.63 -11.64
N GLY B 179 12.12 4.55 -11.39
CA GLY B 179 12.78 3.30 -11.02
C GLY B 179 11.89 2.37 -10.20
N THR B 180 12.50 1.35 -9.63
CA THR B 180 11.77 0.37 -8.84
C THR B 180 12.54 -0.02 -7.58
N LYS B 181 11.81 -0.29 -6.51
CA LYS B 181 12.43 -0.73 -5.28
C LYS B 181 11.60 -1.83 -4.64
N VAL B 182 12.23 -2.99 -4.44
CA VAL B 182 11.58 -4.13 -3.82
C VAL B 182 12.17 -4.34 -2.44
N THR B 183 11.32 -4.42 -1.43
CA THR B 183 11.78 -4.59 -0.05
C THR B 183 11.33 -5.92 0.53
N ILE B 184 12.27 -6.61 1.16
CA ILE B 184 11.95 -7.87 1.81
C ILE B 184 12.31 -7.73 3.29
N ARG B 185 11.41 -8.16 4.16
CA ARG B 185 11.63 -8.12 5.59
C ARG B 185 11.61 -9.56 6.06
N LEU B 186 12.62 -9.96 6.83
CA LEU B 186 12.70 -11.31 7.36
C LEU B 186 12.78 -11.19 8.88
N PRO B 187 12.23 -12.18 9.59
CA PRO B 187 12.26 -12.14 11.06
C PRO B 187 13.65 -12.24 11.67
N LEU B 188 13.84 -11.60 12.82
CA LEU B 188 15.12 -11.64 13.52
C LEU B 188 15.08 -12.64 14.67
N THR B 189 14.00 -12.59 15.44
CA THR B 189 13.82 -13.50 16.58
C THR B 189 13.98 -14.95 16.12
PB ADP C . -15.04 -1.48 14.93
O1B ADP C . -14.57 -2.78 15.49
O2B ADP C . -14.32 -0.37 15.54
O3B ADP C . -16.64 -1.57 15.11
PA ADP C . -13.89 -0.62 12.17
O1A ADP C . -14.87 0.49 11.86
O2A ADP C . -13.57 -1.50 11.02
O3A ADP C . -14.40 -1.52 13.39
O5' ADP C . -12.72 0.22 12.90
C5' ADP C . -11.60 -0.61 13.32
C4' ADP C . -10.32 -0.20 14.13
O4' ADP C . -9.57 0.75 13.41
C3' ADP C . -11.04 0.64 15.13
O3' ADP C . -11.57 -0.17 16.14
C2' ADP C . -10.00 1.69 15.54
O2' ADP C . -9.16 1.10 16.52
C1' ADP C . -9.34 1.89 14.22
N9 ADP C . -9.72 3.11 13.40
C8 ADP C . -10.59 3.27 12.38
N7 ADP C . -10.68 4.50 11.86
C5 ADP C . -9.80 5.16 12.61
C6 ADP C . -9.36 6.52 12.65
N6 ADP C . -9.85 7.46 11.79
N1 ADP C . -8.41 6.93 13.56
C2 ADP C . -7.88 6.03 14.44
N3 ADP C . -8.25 4.72 14.48
C4 ADP C . -9.19 4.35 13.58
PB ADP D . 9.90 -12.00 -15.48
O1B ADP D . 10.32 -13.44 -15.63
O2B ADP D . 9.01 -11.58 -16.56
O3B ADP D . 11.31 -11.26 -15.31
PA ADP D . 8.52 -11.41 -12.76
O1A ADP D . 9.74 -11.39 -11.84
O2A ADP D . 7.31 -12.09 -12.17
O3A ADP D . 8.88 -12.08 -14.16
O5' ADP D . 8.43 -9.87 -13.19
C5' ADP D . 7.33 -9.59 -14.08
C4' ADP D . 6.95 -8.23 -14.76
O4' ADP D . 7.26 -7.15 -13.92
C3' ADP D . 8.10 -8.27 -15.71
O3' ADP D . 7.76 -9.06 -16.84
C2' ADP D . 8.41 -6.79 -15.97
O2' ADP D . 7.54 -6.34 -16.99
C1' ADP D . 8.11 -6.25 -14.63
N9 ADP D . 9.27 -5.92 -13.70
C8 ADP D . 9.84 -6.63 -12.69
N7 ADP D . 10.86 -6.04 -12.09
C5 ADP D . 10.95 -4.90 -12.75
C6 ADP D . 11.82 -3.77 -12.66
N6 ADP D . 12.82 -3.73 -11.72
N1 ADP D . 11.68 -2.69 -13.51
C2 ADP D . 10.71 -2.70 -14.45
N3 ADP D . 9.84 -3.73 -14.62
C4 ADP D . 10.00 -4.78 -13.76
#